data_4KNK
#
_entry.id   4KNK
#
_cell.length_a   96.800
_cell.length_b   81.680
_cell.length_c   68.690
_cell.angle_alpha   90.00
_cell.angle_beta   128.84
_cell.angle_gamma   90.00
#
_symmetry.space_group_name_H-M   'C 1 2 1'
#
loop_
_entity.id
_entity.type
_entity.pdbx_description
1 polymer 'Bifunctional autolysin'
2 non-polymer 'ZINC ION'
3 non-polymer IMIDAZOLE
4 non-polymer 'SODIUM ION'
5 non-polymer 'FORMIC ACID'
6 non-polymer DI(HYDROXYETHYL)ETHER
7 non-polymer 1,2-ETHANEDIOL
8 water water
#
_entity_poly.entity_id   1
_entity_poly.type   'polypeptide(L)'
_entity_poly.pdbx_seq_one_letter_code
;GSASAQPRSVAATPKTSLPKYKPQVNSSINDYICKNNLKAPKIEEDYTSYFPKYAYRNGVGRPEGIVVHDTANDRSTING
EISYMKNNYQNAFVHAFVDGDRIIETAPTDYLSWGVGAVGNPRFINVEIVHTHDYASFARSMNNYADYAATQLQYYGLKP
DSAEYDGNGTVWTHYAVSKYLGGTDHADPHGYLRSHNYSYDQLYDLINEKYLIKMGKVAPWGTQS
;
_entity_poly.pdbx_strand_id   A,B
#
# COMPACT_ATOMS: atom_id res chain seq x y z
N THR A 16 -22.43 -3.25 28.76
CA THR A 16 -22.72 -1.97 28.12
C THR A 16 -22.06 -1.88 26.74
N SER A 17 -22.89 -1.84 25.72
CA SER A 17 -22.41 -1.88 24.34
C SER A 17 -21.90 -0.52 23.87
N LEU A 18 -21.13 -0.52 22.78
CA LEU A 18 -20.71 0.71 22.14
C LEU A 18 -21.91 1.49 21.64
N PRO A 19 -21.86 2.82 21.78
CA PRO A 19 -22.96 3.63 21.27
C PRO A 19 -22.90 3.73 19.75
N LYS A 20 -24.05 3.87 19.11
CA LYS A 20 -24.07 4.23 17.70
C LYS A 20 -23.66 5.69 17.60
N TYR A 21 -22.87 6.03 16.59
CA TYR A 21 -22.48 7.41 16.35
C TYR A 21 -23.71 8.25 16.06
N LYS A 22 -23.84 9.39 16.71
CA LYS A 22 -24.93 10.32 16.38
C LYS A 22 -24.42 11.34 15.36
N PRO A 23 -25.00 11.33 14.15
CA PRO A 23 -24.50 12.24 13.13
C PRO A 23 -24.58 13.69 13.60
N GLN A 24 -23.50 14.44 13.33
CA GLN A 24 -23.44 15.84 13.71
C GLN A 24 -23.82 16.76 12.54
N VAL A 25 -23.95 16.20 11.34
CA VAL A 25 -24.32 16.94 10.15
C VAL A 25 -25.37 16.09 9.45
N ASN A 26 -26.57 16.63 9.26
CA ASN A 26 -27.61 15.86 8.59
C ASN A 26 -27.22 15.51 7.17
N SER A 27 -27.47 14.26 6.79
CA SER A 27 -27.05 13.82 5.48
C SER A 27 -27.85 12.60 5.05
N SER A 28 -28.78 12.79 4.10
CA SER A 28 -29.52 11.63 3.59
C SER A 28 -28.58 10.67 2.86
N ILE A 29 -27.52 11.19 2.24
CA ILE A 29 -26.59 10.30 1.57
C ILE A 29 -25.81 9.48 2.60
N ASN A 30 -25.35 10.10 3.69
CA ASN A 30 -24.67 9.30 4.70
C ASN A 30 -25.63 8.30 5.34
N ASP A 31 -26.90 8.69 5.50
CA ASP A 31 -27.93 7.76 6.01
C ASP A 31 -28.02 6.54 5.10
N TYR A 32 -28.03 6.77 3.79
CA TYR A 32 -28.09 5.70 2.78
C TYR A 32 -26.85 4.81 2.87
N ILE A 33 -25.67 5.40 3.00
CA ILE A 33 -24.44 4.64 3.08
C ILE A 33 -24.46 3.71 4.29
N CYS A 34 -24.86 4.28 5.43
CA CYS A 34 -24.90 3.56 6.68
C CYS A 34 -25.96 2.46 6.70
N LYS A 35 -27.18 2.81 6.28
CA LYS A 35 -28.31 1.88 6.33
C LYS A 35 -28.03 0.66 5.50
N ASN A 36 -27.31 0.85 4.40
CA ASN A 36 -26.97 -0.24 3.51
C ASN A 36 -25.66 -0.90 3.78
N ASN A 37 -25.02 -0.47 4.86
CA ASN A 37 -23.80 -1.11 5.34
C ASN A 37 -22.76 -1.20 4.22
N LEU A 38 -22.54 -0.10 3.50
CA LEU A 38 -21.62 -0.15 2.38
C LEU A 38 -20.20 -0.39 2.87
N LYS A 39 -19.50 -1.28 2.19
CA LYS A 39 -18.15 -1.65 2.57
C LYS A 39 -17.16 -1.11 1.58
N ALA A 40 -16.24 -0.28 2.07
CA ALA A 40 -15.16 0.19 1.23
C ALA A 40 -14.29 -0.99 0.76
N PRO A 41 -13.78 -0.88 -0.46
CA PRO A 41 -12.89 -1.94 -0.95
C PRO A 41 -11.50 -1.87 -0.34
N LYS A 42 -10.68 -2.87 -0.62
CA LYS A 42 -9.29 -2.88 -0.20
C LYS A 42 -8.54 -1.64 -0.69
N ILE A 43 -7.56 -1.19 0.09
CA ILE A 43 -6.64 -0.14 -0.36
C ILE A 43 -5.55 -0.83 -1.17
N GLU A 44 -5.53 -0.57 -2.48
CA GLU A 44 -4.55 -1.16 -3.40
C GLU A 44 -3.41 -0.22 -3.61
N GLU A 45 -2.20 -0.75 -3.67
CA GLU A 45 -1.07 0.06 -4.06
C GLU A 45 -0.84 0.08 -5.57
N ASP A 46 -0.42 1.21 -6.06
CA ASP A 46 0.06 1.29 -7.41
C ASP A 46 1.16 2.36 -7.42
N TYR A 47 2.34 2.01 -6.90
CA TYR A 47 3.42 2.96 -6.72
C TYR A 47 4.31 3.05 -7.96
N THR A 48 5.07 4.12 -8.04
CA THR A 48 5.91 4.39 -9.20
C THR A 48 7.32 4.68 -8.72
N SER A 49 8.28 3.96 -9.29
CA SER A 49 9.65 3.97 -8.79
C SER A 49 10.31 5.33 -8.90
N TYR A 50 9.90 6.13 -9.89
CA TYR A 50 10.57 7.40 -10.14
C TYR A 50 9.90 8.59 -9.46
N PHE A 51 8.78 8.39 -8.76
CA PHE A 51 8.24 9.49 -7.99
C PHE A 51 9.24 9.88 -6.89
N PRO A 52 9.28 11.15 -6.52
CA PRO A 52 10.19 11.53 -5.43
C PRO A 52 9.68 11.02 -4.09
N LYS A 53 10.59 10.85 -3.14
CA LYS A 53 10.25 10.43 -1.79
C LYS A 53 10.78 11.52 -0.84
N TYR A 54 9.98 12.56 -0.63
CA TYR A 54 10.39 13.68 0.18
C TYR A 54 9.62 13.73 1.49
N ALA A 55 10.31 14.12 2.54
CA ALA A 55 9.72 14.25 3.86
C ALA A 55 8.66 15.33 3.95
N TYR A 56 7.68 15.13 4.83
CA TYR A 56 6.90 16.26 5.33
C TYR A 56 7.80 17.18 6.14
N ARG A 57 7.34 18.37 6.45
CA ARG A 57 8.20 19.32 7.17
C ARG A 57 8.65 18.76 8.52
N ASN A 58 7.81 17.96 9.18
CA ASN A 58 8.20 17.39 10.47
C ASN A 58 8.92 16.06 10.35
N GLY A 59 9.08 15.54 9.14
CA GLY A 59 9.78 14.30 8.91
C GLY A 59 9.04 13.34 8.02
N VAL A 60 9.75 12.29 7.59
CA VAL A 60 9.06 11.17 6.94
C VAL A 60 8.06 10.57 7.95
N GLY A 61 6.87 10.21 7.47
CA GLY A 61 5.93 9.57 8.39
C GLY A 61 5.24 10.57 9.31
N ARG A 62 5.37 11.88 9.01
CA ARG A 62 4.79 12.90 9.89
C ARG A 62 3.77 13.81 9.19
N PRO A 63 2.80 13.24 8.47
CA PRO A 63 1.74 14.11 7.96
C PRO A 63 0.96 14.71 9.11
N GLU A 64 0.40 15.89 8.86
CA GLU A 64 -0.35 16.64 9.85
C GLU A 64 -1.83 16.60 9.59
N GLY A 65 -2.25 16.02 8.49
CA GLY A 65 -3.64 15.96 8.13
C GLY A 65 -3.78 15.44 6.72
N ILE A 66 -4.98 15.61 6.18
CA ILE A 66 -5.37 15.07 4.88
C ILE A 66 -6.25 16.08 4.18
N VAL A 67 -6.09 16.16 2.86
CA VAL A 67 -6.82 17.11 2.03
C VAL A 67 -7.82 16.40 1.12
N VAL A 68 -9.02 16.98 1.05
CA VAL A 68 -10.06 16.55 0.12
C VAL A 68 -9.93 17.35 -1.17
N HIS A 69 -9.69 16.62 -2.27
CA HIS A 69 -9.64 17.15 -3.62
C HIS A 69 -10.69 16.47 -4.48
N ASP A 70 -11.06 17.10 -5.60
CA ASP A 70 -11.70 16.36 -6.66
C ASP A 70 -11.00 16.67 -7.97
N THR A 71 -11.13 15.79 -8.94
CA THR A 71 -10.33 15.88 -10.16
C THR A 71 -10.73 17.02 -11.09
N ALA A 72 -11.90 17.63 -10.87
CA ALA A 72 -12.42 18.67 -11.76
C ALA A 72 -12.52 18.17 -13.19
N ASN A 73 -12.79 16.89 -13.34
CA ASN A 73 -12.86 16.27 -14.66
C ASN A 73 -14.09 15.39 -14.70
N ASP A 74 -15.06 15.78 -15.50
CA ASP A 74 -16.31 15.04 -15.46
C ASP A 74 -16.33 13.86 -16.41
N ARG A 75 -15.21 13.60 -17.06
CA ARG A 75 -15.19 12.53 -18.04
C ARG A 75 -14.15 11.44 -17.76
N SER A 76 -13.18 11.70 -16.90
CA SER A 76 -12.08 10.76 -16.74
C SER A 76 -12.47 9.60 -15.84
N THR A 77 -11.71 8.52 -15.96
CA THR A 77 -11.86 7.36 -15.08
C THR A 77 -10.65 7.33 -14.14
N ILE A 78 -10.75 6.53 -13.08
CA ILE A 78 -9.63 6.41 -12.15
C ILE A 78 -8.37 5.90 -12.89
N ASN A 79 -8.52 4.94 -13.79
CA ASN A 79 -7.36 4.45 -14.54
C ASN A 79 -6.73 5.55 -15.41
N GLY A 80 -7.59 6.34 -16.04
CA GLY A 80 -7.08 7.41 -16.87
C GLY A 80 -6.39 8.49 -16.06
N GLU A 81 -6.96 8.85 -14.92
CA GLU A 81 -6.30 9.80 -14.05
C GLU A 81 -4.92 9.32 -13.63
N ILE A 82 -4.81 8.06 -13.26
CA ILE A 82 -3.53 7.53 -12.79
C ILE A 82 -2.52 7.49 -13.93
N SER A 83 -2.94 7.08 -15.12
CA SER A 83 -2.02 7.02 -16.25
C SER A 83 -1.44 8.41 -16.54
N TYR A 84 -2.32 9.42 -16.55
CA TYR A 84 -1.87 10.77 -16.80
C TYR A 84 -0.89 11.20 -15.72
N MET A 85 -1.25 10.95 -14.46
CA MET A 85 -0.42 11.40 -13.35
C MET A 85 0.98 10.76 -13.37
N LYS A 86 1.05 9.48 -13.73
CA LYS A 86 2.37 8.84 -13.79
C LYS A 86 3.31 9.53 -14.77
N ASN A 87 2.78 10.14 -15.81
CA ASN A 87 3.59 10.86 -16.78
C ASN A 87 3.81 12.31 -16.39
N ASN A 88 2.97 12.84 -15.51
CA ASN A 88 2.93 14.26 -15.22
C ASN A 88 3.23 14.58 -13.78
N TYR A 89 3.84 13.62 -13.07
CA TYR A 89 4.09 13.74 -11.65
C TYR A 89 4.96 14.95 -11.31
N GLN A 90 5.78 15.41 -12.25
CA GLN A 90 6.60 16.58 -11.98
C GLN A 90 5.72 17.83 -11.83
N ASN A 91 4.56 17.84 -12.48
CA ASN A 91 3.56 18.91 -12.33
C ASN A 91 2.67 18.70 -11.09
N ALA A 92 2.17 17.48 -10.92
CA ALA A 92 1.31 17.16 -9.79
C ALA A 92 1.23 15.65 -9.61
N PHE A 93 1.23 15.22 -8.36
CA PHE A 93 0.80 13.87 -8.05
C PHE A 93 0.20 13.85 -6.67
N VAL A 94 -0.59 12.83 -6.41
CA VAL A 94 -1.29 12.70 -5.15
C VAL A 94 -1.04 11.32 -4.54
N HIS A 95 -1.46 11.18 -3.29
CA HIS A 95 -1.31 9.90 -2.59
C HIS A 95 -2.31 8.85 -3.01
N ALA A 96 -3.56 9.23 -3.30
CA ALA A 96 -4.56 8.22 -3.61
C ALA A 96 -5.70 8.84 -4.41
N PHE A 97 -6.38 7.97 -5.15
CA PHE A 97 -7.63 8.27 -5.82
C PHE A 97 -8.69 7.33 -5.29
N VAL A 98 -9.91 7.83 -5.24
CA VAL A 98 -11.06 6.99 -4.95
C VAL A 98 -12.14 7.22 -5.99
N ASP A 99 -12.85 6.14 -6.35
CA ASP A 99 -14.09 6.26 -7.10
C ASP A 99 -15.14 5.41 -6.45
N GLY A 100 -16.21 5.07 -7.17
CA GLY A 100 -17.24 4.26 -6.58
C GLY A 100 -16.89 2.78 -6.42
N ASP A 101 -15.74 2.35 -6.96
CA ASP A 101 -15.38 0.93 -6.98
C ASP A 101 -14.05 0.61 -6.31
N ARG A 102 -13.15 1.58 -6.25
CA ARG A 102 -11.75 1.31 -5.92
C ARG A 102 -11.17 2.42 -5.07
N ILE A 103 -10.18 2.03 -4.27
CA ILE A 103 -9.33 2.95 -3.55
C ILE A 103 -7.90 2.57 -3.96
N ILE A 104 -7.21 3.48 -4.64
CA ILE A 104 -5.88 3.19 -5.18
C ILE A 104 -4.88 4.19 -4.63
N GLU A 105 -3.91 3.69 -3.87
CA GLU A 105 -2.86 4.54 -3.32
C GLU A 105 -1.68 4.54 -4.27
N THR A 106 -1.43 5.71 -4.86
CA THR A 106 -0.41 5.91 -5.87
C THR A 106 0.91 6.42 -5.28
N ALA A 107 0.96 6.77 -4.01
CA ALA A 107 2.23 7.18 -3.40
C ALA A 107 2.13 6.90 -1.91
N PRO A 108 3.25 6.51 -1.31
CA PRO A 108 3.26 6.21 0.14
C PRO A 108 2.91 7.44 0.96
N THR A 109 2.03 7.28 1.95
CA THR A 109 1.63 8.41 2.77
C THR A 109 2.73 8.88 3.69
N ASP A 110 3.79 8.11 3.89
CA ASP A 110 4.88 8.60 4.72
C ASP A 110 5.71 9.72 4.08
N TYR A 111 5.63 9.85 2.76
CA TYR A 111 6.32 10.94 2.07
CA TYR A 111 6.32 10.93 2.04
C TYR A 111 5.26 11.87 1.50
N LEU A 112 5.64 13.12 1.19
CA LEU A 112 4.67 14.09 0.68
C LEU A 112 4.23 13.74 -0.74
N SER A 113 3.20 14.43 -1.22
CA SER A 113 2.87 14.38 -2.63
C SER A 113 2.75 15.81 -3.14
N TRP A 114 2.74 15.99 -4.45
CA TRP A 114 2.69 17.34 -5.05
C TRP A 114 1.27 17.62 -5.51
N GLY A 115 0.40 17.85 -4.54
CA GLY A 115 -1.01 17.99 -4.84
C GLY A 115 -1.69 19.28 -4.43
N VAL A 116 -1.05 20.11 -3.61
CA VAL A 116 -1.78 21.23 -3.01
C VAL A 116 -0.91 22.48 -2.81
N GLY A 117 0.21 22.53 -3.53
CA GLY A 117 1.08 23.69 -3.46
C GLY A 117 2.15 23.62 -2.38
N ALA A 118 3.05 24.58 -2.42
CA ALA A 118 4.28 24.51 -1.62
C ALA A 118 4.11 24.69 -0.14
N VAL A 119 2.96 25.21 0.29
CA VAL A 119 2.72 25.36 1.72
C VAL A 119 2.04 24.09 2.30
N GLY A 120 1.02 23.60 1.62
CA GLY A 120 0.32 22.43 2.10
C GLY A 120 1.00 21.10 1.80
N ASN A 121 1.77 21.01 0.71
CA ASN A 121 2.41 19.72 0.41
C ASN A 121 3.29 19.19 1.54
N PRO A 122 4.07 20.05 2.21
CA PRO A 122 4.88 19.55 3.33
C PRO A 122 4.08 19.19 4.57
N ARG A 123 2.76 19.29 4.52
CA ARG A 123 1.93 19.03 5.68
C ARG A 123 0.93 17.87 5.53
N PHE A 124 0.35 17.69 4.34
CA PHE A 124 -0.88 16.91 4.27
C PHE A 124 -0.85 15.82 3.23
N ILE A 125 -1.52 14.71 3.56
CA ILE A 125 -1.83 13.67 2.58
C ILE A 125 -2.85 14.24 1.57
N ASN A 126 -2.64 13.97 0.28
CA ASN A 126 -3.54 14.48 -0.76
C ASN A 126 -4.32 13.32 -1.38
N VAL A 127 -5.66 13.40 -1.34
CA VAL A 127 -6.50 12.34 -1.91
C VAL A 127 -7.51 12.96 -2.86
N GLU A 128 -7.63 12.37 -4.05
CA GLU A 128 -8.53 12.84 -5.10
C GLU A 128 -9.78 12.00 -5.23
N ILE A 129 -10.92 12.67 -5.32
CA ILE A 129 -12.19 12.04 -5.63
C ILE A 129 -12.39 12.11 -7.16
N VAL A 130 -12.46 10.93 -7.79
CA VAL A 130 -12.79 10.83 -9.20
C VAL A 130 -14.30 11.04 -9.36
N HIS A 131 -14.70 11.75 -10.42
CA HIS A 131 -16.12 12.04 -10.59
C HIS A 131 -16.91 10.80 -10.93
N THR A 132 -18.12 10.74 -10.40
CA THR A 132 -19.03 9.62 -10.64
C THR A 132 -20.34 10.14 -11.22
N HIS A 133 -21.17 9.24 -11.72
CA HIS A 133 -22.24 9.65 -12.63
C HIS A 133 -23.58 9.04 -12.34
N ASP A 134 -23.71 8.43 -11.17
CA ASP A 134 -25.04 8.07 -10.70
C ASP A 134 -25.07 8.12 -9.17
N TYR A 135 -26.26 8.03 -8.60
CA TYR A 135 -26.41 8.24 -7.17
C TYR A 135 -25.60 7.22 -6.35
N ALA A 136 -25.74 5.95 -6.71
CA ALA A 136 -25.12 4.89 -5.90
C ALA A 136 -23.60 4.97 -5.97
N SER A 137 -23.07 5.21 -7.17
CA SER A 137 -21.61 5.30 -7.30
CA SER A 137 -21.61 5.33 -7.33
C SER A 137 -21.05 6.52 -6.58
N PHE A 138 -21.78 7.64 -6.62
CA PHE A 138 -21.34 8.80 -5.87
C PHE A 138 -21.26 8.47 -4.37
N ALA A 139 -22.32 7.84 -3.84
CA ALA A 139 -22.37 7.48 -2.43
C ALA A 139 -21.20 6.57 -2.07
N ARG A 140 -20.95 5.54 -2.89
CA ARG A 140 -19.79 4.67 -2.65
C ARG A 140 -18.49 5.47 -2.65
N SER A 141 -18.37 6.45 -3.54
CA SER A 141 -17.13 7.21 -3.59
C SER A 141 -16.91 8.04 -2.32
N MET A 142 -18.00 8.53 -1.72
CA MET A 142 -17.88 9.25 -0.44
C MET A 142 -17.50 8.31 0.68
N ASN A 143 -18.15 7.16 0.73
CA ASN A 143 -17.79 6.12 1.69
C ASN A 143 -16.32 5.75 1.55
N ASN A 144 -15.85 5.63 0.32
CA ASN A 144 -14.48 5.20 0.05
C ASN A 144 -13.48 6.27 0.45
N TYR A 145 -13.77 7.53 0.14
CA TYR A 145 -12.91 8.61 0.60
C TYR A 145 -12.85 8.56 2.13
N ALA A 146 -14.02 8.49 2.76
CA ALA A 146 -14.06 8.58 4.21
C ALA A 146 -13.33 7.40 4.86
N ASP A 147 -13.48 6.21 4.31
CA ASP A 147 -12.78 5.03 4.83
CA ASP A 147 -12.80 5.07 4.87
C ASP A 147 -11.27 5.22 4.73
N TYR A 148 -10.81 5.63 3.56
CA TYR A 148 -9.37 5.82 3.38
C TYR A 148 -8.85 6.89 4.33
N ALA A 149 -9.55 8.02 4.41
CA ALA A 149 -9.11 9.10 5.27
C ALA A 149 -9.08 8.68 6.73
N ALA A 150 -10.14 8.02 7.19
CA ALA A 150 -10.20 7.57 8.58
C ALA A 150 -9.08 6.56 8.87
N THR A 151 -8.79 5.68 7.91
CA THR A 151 -7.67 4.75 8.06
C THR A 151 -6.36 5.52 8.29
N GLN A 152 -6.11 6.56 7.48
CA GLN A 152 -4.88 7.31 7.64
C GLN A 152 -4.83 8.03 8.97
N LEU A 153 -5.93 8.69 9.34
CA LEU A 153 -5.96 9.42 10.60
C LEU A 153 -5.68 8.48 11.78
N GLN A 154 -6.31 7.32 11.77
CA GLN A 154 -6.08 6.37 12.84
C GLN A 154 -4.63 5.88 12.83
N TYR A 155 -4.09 5.57 11.65
CA TYR A 155 -2.75 5.04 11.57
C TYR A 155 -1.71 6.02 12.10
N TYR A 156 -1.87 7.30 11.77
CA TYR A 156 -0.93 8.34 12.17
C TYR A 156 -1.22 8.96 13.52
N GLY A 157 -2.31 8.56 14.16
CA GLY A 157 -2.65 9.13 15.46
C GLY A 157 -3.13 10.56 15.40
N LEU A 158 -3.86 10.89 14.34
CA LEU A 158 -4.38 12.24 14.10
C LEU A 158 -5.89 12.31 14.30
N LYS A 159 -6.34 12.90 15.38
CA LYS A 159 -7.79 12.96 15.62
C LYS A 159 -8.46 13.89 14.62
N PRO A 160 -9.64 13.49 14.09
CA PRO A 160 -10.32 14.39 13.14
C PRO A 160 -10.58 15.77 13.75
N ASP A 161 -10.24 16.80 12.99
CA ASP A 161 -10.50 18.18 13.38
C ASP A 161 -10.59 18.93 12.07
N SER A 162 -11.74 19.51 11.77
CA SER A 162 -11.91 20.17 10.48
C SER A 162 -11.30 21.55 10.49
N ALA A 163 -10.54 21.86 9.44
CA ALA A 163 -9.89 23.16 9.30
C ALA A 163 -10.75 24.19 8.55
N GLU A 164 -11.93 23.80 8.09
CA GLU A 164 -12.62 24.61 7.08
C GLU A 164 -12.92 26.03 7.53
N TYR A 165 -13.28 26.20 8.80
CA TYR A 165 -13.75 27.50 9.28
C TYR A 165 -12.78 28.19 10.21
N ASP A 166 -11.66 27.56 10.52
CA ASP A 166 -10.67 28.18 11.41
C ASP A 166 -9.22 28.03 10.95
N GLY A 167 -8.97 27.29 9.87
CA GLY A 167 -7.60 27.15 9.41
C GLY A 167 -6.71 26.35 10.32
N ASN A 168 -7.30 25.45 11.13
CA ASN A 168 -6.52 24.61 12.01
C ASN A 168 -7.17 23.25 12.08
N GLY A 169 -6.40 22.19 11.88
CA GLY A 169 -6.92 20.85 12.05
C GLY A 169 -6.23 19.84 11.19
N THR A 170 -6.85 18.67 11.14
CA THR A 170 -6.31 17.52 10.44
C THR A 170 -7.08 17.15 9.17
N VAL A 171 -8.24 17.75 8.94
CA VAL A 171 -8.97 17.51 7.69
C VAL A 171 -9.20 18.84 7.00
N TRP A 172 -8.70 18.94 5.77
CA TRP A 172 -8.68 20.16 4.99
C TRP A 172 -9.32 19.92 3.64
N THR A 173 -9.93 20.96 3.06
CA THR A 173 -10.24 20.97 1.64
C THR A 173 -9.12 21.71 0.92
N HIS A 174 -9.03 21.50 -0.40
CA HIS A 174 -8.11 22.30 -1.18
C HIS A 174 -8.48 23.79 -0.98
N TYR A 175 -9.77 24.09 -1.00
CA TYR A 175 -10.25 25.46 -0.78
C TYR A 175 -9.67 26.04 0.51
N ALA A 176 -9.70 25.27 1.61
CA ALA A 176 -9.22 25.78 2.88
C ALA A 176 -7.70 26.01 2.84
N VAL A 177 -6.95 25.14 2.16
CA VAL A 177 -5.52 25.40 2.01
C VAL A 177 -5.30 26.72 1.26
N SER A 178 -6.02 26.91 0.16
CA SER A 178 -5.93 28.16 -0.59
C SER A 178 -6.25 29.37 0.31
N LYS A 179 -7.29 29.25 1.12
CA LYS A 179 -7.79 30.36 1.92
C LYS A 179 -6.83 30.71 3.07
N TYR A 180 -6.40 29.69 3.82
CA TYR A 180 -5.68 29.93 5.05
C TYR A 180 -4.16 29.87 4.92
N LEU A 181 -3.69 29.04 4.00
CA LEU A 181 -2.25 28.78 3.90
C LEU A 181 -1.62 29.40 2.66
N GLY A 182 -2.36 29.47 1.56
CA GLY A 182 -1.81 29.97 0.30
C GLY A 182 -0.97 28.93 -0.40
N GLY A 183 -0.23 29.38 -1.41
CA GLY A 183 0.58 28.51 -2.23
C GLY A 183 -0.21 27.84 -3.33
N THR A 184 -1.51 28.09 -3.36
CA THR A 184 -2.41 27.44 -4.31
C THR A 184 -3.70 28.24 -4.34
N ASP A 185 -4.51 28.09 -5.38
CA ASP A 185 -5.73 28.88 -5.51
C ASP A 185 -6.93 28.08 -5.97
N HIS A 186 -6.92 26.77 -5.78
CA HIS A 186 -8.05 25.94 -6.19
C HIS A 186 -9.15 25.91 -5.13
N ALA A 187 -10.35 25.57 -5.56
CA ALA A 187 -11.54 25.68 -4.70
C ALA A 187 -12.25 24.35 -4.45
N ASP A 188 -11.66 23.25 -4.92
CA ASP A 188 -12.27 21.95 -4.70
C ASP A 188 -12.31 21.61 -3.20
N PRO A 189 -13.28 20.78 -2.77
CA PRO A 189 -14.24 20.02 -3.56
C PRO A 189 -15.65 20.58 -3.50
N HIS A 190 -15.83 21.82 -3.02
CA HIS A 190 -17.18 22.26 -2.64
C HIS A 190 -18.17 22.24 -3.79
N GLY A 191 -17.78 22.80 -4.94
CA GLY A 191 -18.72 22.87 -6.06
C GLY A 191 -19.09 21.47 -6.53
N TYR A 192 -18.11 20.57 -6.60
CA TYR A 192 -18.38 19.21 -7.05
C TYR A 192 -19.35 18.51 -6.08
N LEU A 193 -19.08 18.60 -4.78
CA LEU A 193 -19.96 17.93 -3.83
C LEU A 193 -21.38 18.52 -3.89
N ARG A 194 -21.48 19.84 -4.02
CA ARG A 194 -22.78 20.49 -4.11
CA ARG A 194 -22.77 20.51 -4.13
C ARG A 194 -23.55 19.96 -5.33
N SER A 195 -22.85 19.73 -6.43
CA SER A 195 -23.52 19.24 -7.65
C SER A 195 -24.16 17.86 -7.47
N HIS A 196 -23.69 17.12 -6.47
CA HIS A 196 -24.22 15.83 -6.13
C HIS A 196 -25.08 15.87 -4.84
N ASN A 197 -25.49 17.08 -4.43
CA ASN A 197 -26.36 17.24 -3.27
C ASN A 197 -25.70 16.77 -1.99
N TYR A 198 -24.40 16.99 -1.90
CA TYR A 198 -23.62 16.58 -0.73
C TYR A 198 -22.81 17.81 -0.28
N SER A 199 -21.96 17.66 0.72
CA SER A 199 -21.14 18.79 1.13
C SER A 199 -19.90 18.26 1.83
N TYR A 200 -18.90 19.12 1.94
CA TYR A 200 -17.70 18.78 2.69
C TYR A 200 -18.00 18.42 4.14
N ASP A 201 -18.89 19.16 4.78
CA ASP A 201 -19.22 18.87 6.17
C ASP A 201 -19.91 17.53 6.36
N GLN A 202 -20.73 17.13 5.38
CA GLN A 202 -21.29 15.76 5.40
C GLN A 202 -20.15 14.74 5.29
N LEU A 203 -19.19 14.98 4.39
CA LEU A 203 -18.05 14.07 4.26
C LEU A 203 -17.24 14.02 5.56
N TYR A 204 -16.98 15.19 6.16
CA TYR A 204 -16.21 15.22 7.39
C TYR A 204 -16.91 14.40 8.50
N ASP A 205 -18.24 14.53 8.61
CA ASP A 205 -18.96 13.77 9.61
C ASP A 205 -18.80 12.26 9.41
N LEU A 206 -18.79 11.83 8.14
CA LEU A 206 -18.57 10.42 7.82
C LEU A 206 -17.15 9.98 8.15
N ILE A 207 -16.16 10.82 7.84
CA ILE A 207 -14.78 10.55 8.25
C ILE A 207 -14.69 10.40 9.76
N ASN A 208 -15.31 11.31 10.49
CA ASN A 208 -15.26 11.26 11.92
C ASN A 208 -15.87 9.95 12.45
N GLU A 209 -17.06 9.60 11.95
CA GLU A 209 -17.68 8.35 12.38
C GLU A 209 -16.78 7.15 12.12
N LYS A 210 -16.23 7.07 10.92
CA LYS A 210 -15.37 5.92 10.60
C LYS A 210 -14.11 5.89 11.43
N TYR A 211 -13.55 7.05 11.73
CA TYR A 211 -12.39 7.10 12.62
C TYR A 211 -12.78 6.50 13.98
N LEU A 212 -13.93 6.93 14.51
CA LEU A 212 -14.37 6.45 15.81
C LEU A 212 -14.69 4.95 15.80
N ILE A 213 -15.21 4.45 14.69
CA ILE A 213 -15.41 3.00 14.55
C ILE A 213 -14.06 2.28 14.60
N LYS A 214 -13.10 2.79 13.86
CA LYS A 214 -11.77 2.16 13.78
C LYS A 214 -11.05 2.23 15.12
N MET A 215 -11.36 3.24 15.93
CA MET A 215 -10.77 3.42 17.26
C MET A 215 -11.51 2.62 18.32
N GLY A 216 -12.59 1.96 17.95
CA GLY A 216 -13.35 1.14 18.88
C GLY A 216 -14.18 1.96 19.85
N LYS A 217 -14.57 3.17 19.44
CA LYS A 217 -15.33 4.09 20.30
C LYS A 217 -16.83 4.14 20.01
N VAL A 218 -17.22 3.81 18.79
CA VAL A 218 -18.64 3.74 18.45
C VAL A 218 -18.89 2.45 17.70
N ALA A 219 -20.15 2.05 17.63
CA ALA A 219 -20.51 0.76 17.05
C ALA A 219 -20.30 0.75 15.55
N PRO A 220 -19.78 -0.37 15.03
CA PRO A 220 -19.75 -0.51 13.57
C PRO A 220 -21.19 -0.60 13.02
N TRP A 221 -21.30 -0.48 11.70
CA TRP A 221 -22.58 -0.57 11.03
C TRP A 221 -23.11 -2.01 10.98
N SER B 17 13.36 -5.61 -31.25
CA SER B 17 12.44 -5.73 -30.11
C SER B 17 13.21 -6.08 -28.85
N LEU B 18 12.53 -6.09 -27.71
CA LEU B 18 13.16 -6.51 -26.46
C LEU B 18 13.37 -8.01 -26.48
N PRO B 19 14.50 -8.49 -25.95
CA PRO B 19 14.75 -9.92 -25.90
C PRO B 19 13.92 -10.59 -24.81
N LYS B 20 13.53 -11.84 -25.06
CA LYS B 20 12.94 -12.66 -24.01
C LYS B 20 14.02 -13.00 -23.00
N TYR B 21 13.64 -13.04 -21.72
CA TYR B 21 14.55 -13.46 -20.67
C TYR B 21 14.93 -14.91 -20.86
N LYS B 22 16.21 -15.19 -20.76
CA LYS B 22 16.69 -16.56 -20.79
C LYS B 22 16.88 -17.08 -19.37
N PRO B 23 16.07 -18.08 -18.97
CA PRO B 23 16.17 -18.58 -17.60
C PRO B 23 17.59 -19.07 -17.29
N GLN B 24 18.08 -18.73 -16.11
CA GLN B 24 19.43 -19.13 -15.69
C GLN B 24 19.48 -20.46 -14.96
N VAL B 25 18.33 -20.94 -14.53
CA VAL B 25 18.20 -22.31 -14.04
C VAL B 25 16.91 -22.85 -14.63
N ASN B 26 16.85 -24.16 -14.86
CA ASN B 26 15.60 -24.72 -15.35
C ASN B 26 14.55 -24.64 -14.25
N SER B 27 13.31 -24.46 -14.65
CA SER B 27 12.20 -24.47 -13.71
C SER B 27 10.93 -24.76 -14.48
N SER B 28 10.40 -25.98 -14.33
CA SER B 28 9.11 -26.29 -14.94
C SER B 28 7.99 -25.45 -14.35
N ILE B 29 8.10 -25.07 -13.07
CA ILE B 29 7.09 -24.22 -12.47
C ILE B 29 7.15 -22.80 -13.03
N ASN B 30 8.35 -22.23 -13.16
CA ASN B 30 8.46 -20.93 -13.79
C ASN B 30 7.97 -20.97 -15.23
N ASP B 31 8.25 -22.06 -15.94
CA ASP B 31 7.73 -22.24 -17.30
C ASP B 31 6.21 -22.17 -17.32
N TYR B 32 5.58 -22.85 -16.36
CA TYR B 32 4.13 -22.86 -16.24
C TYR B 32 3.57 -21.47 -15.93
N ILE B 33 4.23 -20.74 -15.03
CA ILE B 33 3.80 -19.41 -14.64
C ILE B 33 3.83 -18.48 -15.85
N CYS B 34 4.92 -18.56 -16.60
CA CYS B 34 5.09 -17.72 -17.79
C CYS B 34 4.15 -18.06 -18.93
N LYS B 35 4.03 -19.35 -19.22
CA LYS B 35 3.20 -19.82 -20.32
C LYS B 35 1.74 -19.37 -20.14
N ASN B 36 1.30 -19.37 -18.88
CA ASN B 36 -0.06 -18.99 -18.56
C ASN B 36 -0.18 -17.52 -18.21
N ASN B 37 0.92 -16.79 -18.36
CA ASN B 37 0.99 -15.36 -18.05
C ASN B 37 0.25 -15.00 -16.77
N LEU B 38 0.58 -15.70 -15.68
CA LEU B 38 -0.09 -15.47 -14.41
C LEU B 38 0.11 -14.04 -13.97
N LYS B 39 -0.97 -13.39 -13.55
CA LYS B 39 -0.92 -12.01 -13.11
C LYS B 39 -1.03 -11.92 -11.60
N ALA B 40 0.00 -11.36 -10.96
CA ALA B 40 -0.04 -11.11 -9.52
C ALA B 40 -1.20 -10.16 -9.22
N PRO B 41 -1.87 -10.35 -8.08
CA PRO B 41 -2.95 -9.46 -7.66
C PRO B 41 -2.35 -8.16 -7.17
N LYS B 42 -3.21 -7.15 -7.02
CA LYS B 42 -2.75 -5.89 -6.48
C LYS B 42 -2.27 -6.05 -5.04
N ILE B 43 -1.28 -5.26 -4.68
CA ILE B 43 -0.79 -5.25 -3.31
C ILE B 43 -1.85 -4.53 -2.46
N GLU B 44 -2.35 -5.22 -1.43
CA GLU B 44 -3.29 -4.62 -0.48
C GLU B 44 -2.58 -4.15 0.74
N GLU B 45 -3.07 -3.08 1.33
CA GLU B 45 -2.50 -2.62 2.58
C GLU B 45 -3.31 -2.99 3.79
N ASP B 46 -2.63 -3.47 4.82
CA ASP B 46 -3.28 -3.75 6.09
C ASP B 46 -2.27 -3.36 7.17
N TYR B 47 -2.20 -2.07 7.49
CA TYR B 47 -1.18 -1.54 8.39
C TYR B 47 -1.72 -1.43 9.81
N THR B 48 -0.84 -1.21 10.77
CA THR B 48 -1.18 -1.22 12.19
C THR B 48 -0.54 -0.02 12.88
N SER B 49 -1.38 0.78 13.54
CA SER B 49 -0.96 2.06 14.10
C SER B 49 0.17 1.95 15.13
N TYR B 50 0.19 0.85 15.90
CA TYR B 50 1.16 0.74 16.97
C TYR B 50 2.46 0.02 16.59
N PHE B 51 2.62 -0.43 15.34
CA PHE B 51 3.91 -0.97 14.95
C PHE B 51 4.95 0.16 15.00
N PRO B 52 6.18 -0.15 15.42
CA PRO B 52 7.23 0.88 15.47
C PRO B 52 7.75 1.17 14.06
N LYS B 53 8.40 2.33 13.93
CA LYS B 53 8.87 2.83 12.63
C LYS B 53 10.33 3.27 12.76
N TYR B 54 11.20 2.31 12.54
CA TYR B 54 12.64 2.49 12.71
C TYR B 54 13.34 2.51 11.35
N ALA B 55 14.26 3.47 11.19
CA ALA B 55 15.01 3.62 9.97
C ALA B 55 15.93 2.43 9.72
N TYR B 56 16.15 2.11 8.45
CA TYR B 56 17.26 1.22 8.08
C TYR B 56 18.58 1.88 8.41
N ARG B 57 19.64 1.09 8.45
CA ARG B 57 20.93 1.65 8.86
C ARG B 57 21.44 2.74 7.91
N ASN B 58 21.07 2.68 6.63
CA ASN B 58 21.47 3.73 5.69
C ASN B 58 20.44 4.84 5.56
N GLY B 59 19.34 4.75 6.31
CA GLY B 59 18.36 5.81 6.35
C GLY B 59 16.94 5.28 6.10
N VAL B 60 15.98 6.12 6.42
CA VAL B 60 14.60 5.86 6.05
C VAL B 60 14.52 5.75 4.54
N GLY B 61 13.81 4.74 4.06
CA GLY B 61 13.66 4.57 2.62
C GLY B 61 14.90 4.05 1.92
N ARG B 62 15.88 3.53 2.68
CA ARG B 62 17.11 3.01 2.08
C ARG B 62 17.41 1.55 2.49
N PRO B 63 16.44 0.64 2.26
CA PRO B 63 16.75 -0.79 2.44
C PRO B 63 17.83 -1.21 1.46
N GLU B 64 18.50 -2.30 1.81
CA GLU B 64 19.61 -2.86 1.05
C GLU B 64 19.23 -4.13 0.31
N GLY B 65 18.04 -4.66 0.57
CA GLY B 65 17.66 -5.91 -0.07
C GLY B 65 16.39 -6.41 0.56
N ILE B 66 16.09 -7.67 0.27
CA ILE B 66 14.83 -8.30 0.64
C ILE B 66 15.11 -9.75 1.05
N VAL B 67 14.35 -10.24 2.03
CA VAL B 67 14.53 -11.58 2.56
C VAL B 67 13.33 -12.45 2.20
N VAL B 68 13.64 -13.68 1.78
CA VAL B 68 12.63 -14.70 1.55
C VAL B 68 12.45 -15.55 2.82
N HIS B 69 11.24 -15.50 3.36
CA HIS B 69 10.82 -16.31 4.51
C HIS B 69 9.68 -17.21 4.10
N ASP B 70 9.45 -18.27 4.88
CA ASP B 70 8.13 -18.91 4.85
C ASP B 70 7.66 -19.10 6.29
N THR B 71 6.36 -19.24 6.46
CA THR B 71 5.76 -19.24 7.80
C THR B 71 6.07 -20.49 8.62
N ALA B 72 6.57 -21.54 7.98
CA ALA B 72 6.81 -22.82 8.65
C ALA B 72 5.55 -23.37 9.31
N ASN B 73 4.40 -23.09 8.73
CA ASN B 73 3.13 -23.49 9.30
C ASN B 73 2.27 -24.02 8.17
N ASP B 74 2.03 -25.33 8.16
CA ASP B 74 1.30 -25.93 7.05
C ASP B 74 -0.21 -25.87 7.21
N ARG B 75 -0.68 -25.24 8.29
CA ARG B 75 -2.10 -25.19 8.57
C ARG B 75 -2.71 -23.78 8.58
N SER B 76 -1.86 -22.76 8.65
CA SER B 76 -2.37 -21.40 8.79
C SER B 76 -2.80 -20.79 7.48
N THR B 77 -3.64 -19.76 7.60
CA THR B 77 -4.02 -18.95 6.47
C THR B 77 -3.34 -17.59 6.58
N ILE B 78 -3.35 -16.84 5.50
CA ILE B 78 -2.78 -15.51 5.52
C ILE B 78 -3.47 -14.63 6.56
N ASN B 79 -4.79 -14.75 6.70
CA ASN B 79 -5.49 -13.94 7.69
C ASN B 79 -5.07 -14.29 9.11
N GLY B 80 -4.92 -15.58 9.40
CA GLY B 80 -4.50 -16.01 10.73
C GLY B 80 -3.08 -15.55 11.02
N GLU B 81 -2.19 -15.66 10.04
CA GLU B 81 -0.81 -15.21 10.22
C GLU B 81 -0.80 -13.73 10.55
N ILE B 82 -1.57 -12.95 9.80
CA ILE B 82 -1.57 -11.51 10.03
C ILE B 82 -2.15 -11.17 11.41
N SER B 83 -3.24 -11.81 11.78
CA SER B 83 -3.87 -11.53 13.07
C SER B 83 -2.90 -11.88 14.22
N TYR B 84 -2.21 -13.02 14.11
CA TYR B 84 -1.27 -13.41 15.15
C TYR B 84 -0.16 -12.35 15.24
N MET B 85 0.36 -11.93 14.07
CA MET B 85 1.44 -10.97 14.02
C MET B 85 1.04 -9.63 14.65
N LYS B 86 -0.17 -9.16 14.36
CA LYS B 86 -0.60 -7.91 14.96
C LYS B 86 -0.58 -7.99 16.47
N ASN B 87 -0.96 -9.14 17.02
CA ASN B 87 -0.94 -9.29 18.47
C ASN B 87 0.47 -9.47 19.06
N ASN B 88 1.37 -10.03 18.27
CA ASN B 88 2.68 -10.44 18.76
C ASN B 88 3.83 -9.69 18.11
N TYR B 89 3.54 -8.46 17.71
CA TYR B 89 4.47 -7.68 16.91
C TYR B 89 5.76 -7.36 17.67
N GLN B 90 5.74 -7.35 19.00
CA GLN B 90 6.97 -7.03 19.73
C GLN B 90 7.96 -8.17 19.63
N ASN B 91 7.46 -9.35 19.33
CA ASN B 91 8.36 -10.45 19.04
C ASN B 91 8.76 -10.51 17.57
N ALA B 92 7.81 -10.32 16.66
CA ALA B 92 8.11 -10.33 15.25
C ALA B 92 7.02 -9.65 14.46
N PHE B 93 7.44 -8.94 13.42
CA PHE B 93 6.50 -8.54 12.37
C PHE B 93 7.29 -8.39 11.08
N VAL B 94 6.59 -8.46 9.95
CA VAL B 94 7.19 -8.39 8.65
C VAL B 94 6.46 -7.37 7.79
N HIS B 95 7.06 -7.09 6.63
CA HIS B 95 6.52 -6.13 5.69
C HIS B 95 5.32 -6.65 4.91
N ALA B 96 5.33 -7.93 4.51
CA ALA B 96 4.24 -8.42 3.67
C ALA B 96 4.17 -9.93 3.77
N PHE B 97 2.98 -10.43 3.42
CA PHE B 97 2.68 -11.85 3.25
C PHE B 97 2.17 -12.06 1.84
N VAL B 98 2.51 -13.20 1.27
CA VAL B 98 1.91 -13.61 0.01
C VAL B 98 1.35 -15.03 0.15
N ASP B 99 0.22 -15.28 -0.50
CA ASP B 99 -0.25 -16.64 -0.71
C ASP B 99 -0.61 -16.82 -2.17
N GLY B 100 -1.43 -17.82 -2.47
CA GLY B 100 -1.79 -18.03 -3.87
C GLY B 100 -2.80 -17.04 -4.43
N ASP B 101 -3.40 -16.23 -3.56
CA ASP B 101 -4.49 -15.36 -3.97
C ASP B 101 -4.26 -13.88 -3.71
N ARG B 102 -3.40 -13.56 -2.74
CA ARG B 102 -3.29 -12.20 -2.22
C ARG B 102 -1.84 -11.85 -1.94
N ILE B 103 -1.56 -10.56 -2.04
CA ILE B 103 -0.30 -9.97 -1.55
C ILE B 103 -0.73 -8.88 -0.59
N ILE B 104 -0.37 -9.01 0.69
CA ILE B 104 -0.85 -8.08 1.71
C ILE B 104 0.38 -7.47 2.40
N GLU B 105 0.51 -6.16 2.28
CA GLU B 105 1.58 -5.41 2.91
C GLU B 105 1.11 -4.93 4.28
N THR B 106 1.84 -5.37 5.31
CA THR B 106 1.48 -5.15 6.70
C THR B 106 2.34 -4.08 7.39
N ALA B 107 3.40 -3.62 6.73
CA ALA B 107 4.20 -2.53 7.27
C ALA B 107 4.87 -1.82 6.11
N PRO B 108 5.00 -0.49 6.20
CA PRO B 108 5.61 0.27 5.08
C PRO B 108 7.07 -0.11 4.89
N THR B 109 7.46 -0.21 3.62
CA THR B 109 8.79 -0.71 3.30
C THR B 109 9.91 0.30 3.57
N ASP B 110 9.56 1.56 3.86
CA ASP B 110 10.58 2.58 4.11
C ASP B 110 11.17 2.52 5.50
N TYR B 111 10.56 1.74 6.38
CA TYR B 111 11.08 1.48 7.73
C TYR B 111 11.29 -0.01 7.85
N LEU B 112 12.14 -0.42 8.79
CA LEU B 112 12.44 -1.83 8.97
C LEU B 112 11.25 -2.61 9.55
N SER B 113 11.36 -3.93 9.56
CA SER B 113 10.42 -4.77 10.29
C SER B 113 11.21 -5.72 11.18
N TRP B 114 10.57 -6.26 12.21
CA TRP B 114 11.23 -7.18 13.13
C TRP B 114 11.07 -8.62 12.64
N GLY B 115 11.74 -8.94 11.55
CA GLY B 115 11.51 -10.20 10.88
C GLY B 115 12.67 -11.16 10.78
N VAL B 116 13.92 -10.72 11.04
CA VAL B 116 15.07 -11.57 10.72
C VAL B 116 16.24 -11.32 11.68
N GLY B 117 15.94 -10.79 12.86
CA GLY B 117 16.97 -10.57 13.88
C GLY B 117 17.70 -9.25 13.77
N ALA B 118 18.50 -8.98 14.78
CA ALA B 118 19.07 -7.65 14.99
C ALA B 118 20.08 -7.21 13.95
N VAL B 119 20.68 -8.17 13.24
CA VAL B 119 21.69 -7.82 12.24
C VAL B 119 21.04 -7.54 10.89
N GLY B 120 20.11 -8.39 10.47
CA GLY B 120 19.45 -8.21 9.18
C GLY B 120 18.32 -7.18 9.20
N ASN B 121 17.65 -6.99 10.35
CA ASN B 121 16.49 -6.08 10.36
C ASN B 121 16.82 -4.66 9.90
N PRO B 122 17.98 -4.08 10.30
CA PRO B 122 18.28 -2.73 9.80
C PRO B 122 18.69 -2.68 8.33
N ARG B 123 18.66 -3.80 7.62
CA ARG B 123 19.08 -3.85 6.23
C ARG B 123 17.98 -4.20 5.23
N PHE B 124 17.06 -5.11 5.59
CA PHE B 124 16.30 -5.80 4.55
C PHE B 124 14.79 -5.74 4.75
N ILE B 125 14.05 -5.65 3.65
CA ILE B 125 12.61 -5.87 3.66
C ILE B 125 12.34 -7.37 3.95
N ASN B 126 11.35 -7.66 4.79
CA ASN B 126 11.04 -9.04 5.17
C ASN B 126 9.69 -9.43 4.59
N VAL B 127 9.63 -10.49 3.79
CA VAL B 127 8.39 -10.96 3.18
C VAL B 127 8.20 -12.45 3.43
N GLU B 128 7.00 -12.82 3.87
CA GLU B 128 6.67 -14.19 4.23
C GLU B 128 5.81 -14.86 3.17
N ILE B 129 6.18 -16.09 2.83
CA ILE B 129 5.36 -16.95 1.98
C ILE B 129 4.49 -17.83 2.87
N VAL B 130 3.18 -17.69 2.72
CA VAL B 130 2.21 -18.52 3.40
C VAL B 130 2.14 -19.86 2.65
N HIS B 131 1.98 -20.96 3.38
CA HIS B 131 1.96 -22.25 2.74
C HIS B 131 0.68 -22.47 1.93
N THR B 132 0.83 -23.13 0.79
CA THR B 132 -0.26 -23.45 -0.10
C THR B 132 -0.31 -24.95 -0.30
N HIS B 133 -1.41 -25.42 -0.90
CA HIS B 133 -1.69 -26.86 -0.84
C HIS B 133 -2.13 -27.51 -2.15
N ASP B 134 -1.89 -26.82 -3.26
CA ASP B 134 -2.04 -27.44 -4.58
C ASP B 134 -1.08 -26.76 -5.56
N TYR B 135 -0.86 -27.41 -6.71
CA TYR B 135 0.13 -26.94 -7.70
C TYR B 135 -0.13 -25.50 -8.15
N ALA B 136 -1.36 -25.23 -8.54
CA ALA B 136 -1.72 -23.92 -9.07
C ALA B 136 -1.54 -22.81 -8.03
N SER B 137 -2.02 -23.06 -6.81
CA SER B 137 -1.89 -22.07 -5.75
CA SER B 137 -1.88 -22.11 -5.71
C SER B 137 -0.42 -21.85 -5.37
N PHE B 138 0.37 -22.91 -5.35
CA PHE B 138 1.79 -22.76 -5.06
C PHE B 138 2.47 -21.90 -6.14
N ALA B 139 2.20 -22.20 -7.40
CA ALA B 139 2.78 -21.43 -8.50
C ALA B 139 2.38 -19.95 -8.42
N ARG B 140 1.11 -19.69 -8.16
CA ARG B 140 0.68 -18.31 -7.95
C ARG B 140 1.44 -17.66 -6.82
N SER B 141 1.64 -18.37 -5.72
CA SER B 141 2.36 -17.78 -4.59
C SER B 141 3.81 -17.42 -4.92
N MET B 142 4.44 -18.21 -5.77
CA MET B 142 5.81 -17.91 -6.22
C MET B 142 5.81 -16.69 -7.12
N ASN B 143 4.87 -16.67 -8.07
CA ASN B 143 4.71 -15.51 -8.94
C ASN B 143 4.47 -14.25 -8.10
N ASN B 144 3.67 -14.40 -7.04
CA ASN B 144 3.30 -13.27 -6.18
C ASN B 144 4.49 -12.79 -5.36
N TYR B 145 5.25 -13.71 -4.78
CA TYR B 145 6.46 -13.31 -4.09
C TYR B 145 7.37 -12.58 -5.06
N ALA B 146 7.58 -13.18 -6.21
CA ALA B 146 8.53 -12.62 -7.17
C ALA B 146 8.09 -11.25 -7.67
N ASP B 147 6.79 -11.08 -7.91
CA ASP B 147 6.29 -9.77 -8.34
CA ASP B 147 6.34 -9.77 -8.35
C ASP B 147 6.53 -8.72 -7.26
N TYR B 148 6.18 -9.06 -6.02
CA TYR B 148 6.38 -8.11 -4.93
C TYR B 148 7.85 -7.76 -4.78
N ALA B 149 8.72 -8.79 -4.78
CA ALA B 149 10.15 -8.57 -4.59
C ALA B 149 10.72 -7.73 -5.70
N ALA B 150 10.41 -8.08 -6.95
CA ALA B 150 10.91 -7.31 -8.08
C ALA B 150 10.43 -5.86 -8.02
N THR B 151 9.17 -5.68 -7.63
CA THR B 151 8.62 -4.33 -7.47
C THR B 151 9.48 -3.54 -6.48
N GLN B 152 9.81 -4.14 -5.33
CA GLN B 152 10.58 -3.43 -4.33
C GLN B 152 12.01 -3.16 -4.77
N LEU B 153 12.62 -4.14 -5.43
CA LEU B 153 14.00 -3.93 -5.89
C LEU B 153 14.03 -2.77 -6.89
N GLN B 154 13.11 -2.75 -7.84
CA GLN B 154 13.08 -1.61 -8.77
C GLN B 154 12.78 -0.28 -8.08
N TYR B 155 11.85 -0.32 -7.14
CA TYR B 155 11.45 0.90 -6.44
C TYR B 155 12.62 1.53 -5.70
N TYR B 156 13.44 0.68 -5.10
CA TYR B 156 14.56 1.16 -4.30
C TYR B 156 15.87 1.24 -5.08
N GLY B 157 15.84 0.93 -6.38
CA GLY B 157 17.04 1.02 -7.22
C GLY B 157 18.08 -0.02 -6.87
N LEU B 158 17.61 -1.21 -6.48
CA LEU B 158 18.47 -2.33 -6.11
C LEU B 158 18.47 -3.48 -7.11
N LYS B 159 19.60 -3.75 -7.73
CA LYS B 159 19.61 -4.78 -8.76
C LYS B 159 19.64 -6.15 -8.08
N PRO B 160 18.91 -7.14 -8.61
CA PRO B 160 18.96 -8.48 -7.98
C PRO B 160 20.38 -9.03 -7.94
N ASP B 161 20.76 -9.54 -6.77
CA ASP B 161 22.07 -10.15 -6.57
C ASP B 161 21.86 -11.09 -5.41
N SER B 162 21.99 -12.40 -5.65
CA SER B 162 21.70 -13.38 -4.61
C SER B 162 22.84 -13.48 -3.61
N ALA B 163 22.50 -13.45 -2.32
CA ALA B 163 23.50 -13.57 -1.26
C ALA B 163 23.75 -15.00 -0.79
N GLU B 164 23.06 -15.97 -1.38
CA GLU B 164 23.01 -17.30 -0.78
C GLU B 164 24.38 -17.97 -0.64
N TYR B 165 25.24 -17.76 -1.63
CA TYR B 165 26.50 -18.51 -1.72
C TYR B 165 27.71 -17.66 -1.37
N ASP B 166 27.52 -16.36 -1.18
CA ASP B 166 28.67 -15.49 -0.95
C ASP B 166 28.42 -14.47 0.16
N GLY B 167 27.21 -14.41 0.71
CA GLY B 167 26.93 -13.50 1.81
C GLY B 167 26.91 -12.03 1.42
N ASN B 168 26.69 -11.76 0.13
CA ASN B 168 26.63 -10.40 -0.35
C ASN B 168 25.52 -10.27 -1.39
N GLY B 169 24.67 -9.26 -1.26
CA GLY B 169 23.69 -9.04 -2.29
C GLY B 169 22.42 -8.40 -1.79
N THR B 170 21.42 -8.43 -2.66
CA THR B 170 20.13 -7.78 -2.40
C THR B 170 18.98 -8.76 -2.23
N VAL B 171 19.20 -10.05 -2.49
CA VAL B 171 18.15 -11.04 -2.24
C VAL B 171 18.77 -12.09 -1.32
N TRP B 172 18.15 -12.25 -0.16
CA TRP B 172 18.62 -13.11 0.93
C TRP B 172 17.53 -14.09 1.30
N THR B 173 17.92 -15.25 1.78
CA THR B 173 17.01 -16.13 2.52
C THR B 173 17.21 -15.93 4.02
N HIS B 174 16.23 -16.34 4.83
CA HIS B 174 16.43 -16.33 6.27
C HIS B 174 17.66 -17.19 6.61
N TYR B 175 17.79 -18.33 5.94
CA TYR B 175 18.96 -19.18 6.11
C TYR B 175 20.28 -18.41 5.91
N ALA B 176 20.37 -17.65 4.82
CA ALA B 176 21.59 -16.90 4.55
C ALA B 176 21.85 -15.84 5.59
N VAL B 177 20.81 -15.16 6.07
CA VAL B 177 21.02 -14.21 7.15
C VAL B 177 21.58 -14.92 8.37
N SER B 178 20.97 -16.05 8.75
CA SER B 178 21.44 -16.82 9.89
C SER B 178 22.93 -17.18 9.75
N LYS B 179 23.28 -17.67 8.56
CA LYS B 179 24.63 -18.18 8.34
C LYS B 179 25.66 -17.05 8.31
N TYR B 180 25.42 -16.04 7.46
CA TYR B 180 26.45 -15.03 7.21
C TYR B 180 26.45 -13.92 8.23
N LEU B 181 25.27 -13.51 8.69
CA LEU B 181 25.12 -12.31 9.51
C LEU B 181 24.91 -12.64 10.99
N GLY B 182 24.21 -13.74 11.27
CA GLY B 182 23.84 -14.05 12.63
C GLY B 182 22.66 -13.22 13.11
N GLY B 183 22.40 -13.29 14.41
CA GLY B 183 21.27 -12.65 15.05
C GLY B 183 19.97 -13.41 14.95
N THR B 184 20.02 -14.58 14.30
CA THR B 184 18.85 -15.40 14.05
C THR B 184 19.36 -16.77 13.62
N ASP B 185 18.53 -17.80 13.75
CA ASP B 185 18.92 -19.16 13.42
C ASP B 185 17.89 -19.98 12.64
N HIS B 186 17.21 -19.40 11.69
CA HIS B 186 16.20 -20.16 10.98
C HIS B 186 16.67 -20.51 9.60
N ALA B 187 16.04 -21.51 9.02
CA ALA B 187 16.52 -22.15 7.79
C ALA B 187 15.61 -21.95 6.59
N ASP B 188 14.53 -21.21 6.78
CA ASP B 188 13.61 -20.97 5.67
C ASP B 188 14.29 -20.20 4.55
N PRO B 189 13.84 -20.40 3.30
CA PRO B 189 12.66 -21.12 2.86
C PRO B 189 13.00 -22.45 2.16
N HIS B 190 14.23 -22.94 2.27
CA HIS B 190 14.68 -24.00 1.38
C HIS B 190 13.86 -25.27 1.47
N GLY B 191 13.62 -25.75 2.68
CA GLY B 191 12.88 -27.00 2.87
C GLY B 191 11.46 -26.89 2.32
N TYR B 192 10.81 -25.77 2.62
CA TYR B 192 9.45 -25.55 2.14
C TYR B 192 9.37 -25.55 0.61
N LEU B 193 10.27 -24.81 -0.05
CA LEU B 193 10.22 -24.75 -1.51
C LEU B 193 10.49 -26.11 -2.11
N ARG B 194 11.45 -26.84 -1.53
CA ARG B 194 11.78 -28.18 -2.03
C ARG B 194 10.58 -29.10 -1.94
N SER B 195 9.79 -28.95 -0.89
CA SER B 195 8.63 -29.82 -0.68
C SER B 195 7.56 -29.64 -1.75
N HIS B 196 7.61 -28.52 -2.48
CA HIS B 196 6.72 -28.27 -3.60
C HIS B 196 7.47 -28.35 -4.94
N ASN B 197 8.58 -29.07 -4.95
CA ASN B 197 9.34 -29.34 -6.18
C ASN B 197 9.90 -28.05 -6.80
N TYR B 198 10.25 -27.09 -5.95
CA TYR B 198 10.77 -25.80 -6.38
C TYR B 198 12.04 -25.55 -5.57
N SER B 199 12.61 -24.35 -5.68
CA SER B 199 13.83 -24.04 -4.94
C SER B 199 13.99 -22.55 -4.85
N TYR B 200 14.84 -22.12 -3.93
CA TYR B 200 15.16 -20.70 -3.80
C TYR B 200 15.77 -20.17 -5.10
N ASP B 201 16.67 -20.93 -5.72
CA ASP B 201 17.30 -20.43 -6.93
C ASP B 201 16.33 -20.28 -8.09
N GLN B 202 15.32 -21.14 -8.17
CA GLN B 202 14.25 -20.97 -9.15
C GLN B 202 13.45 -19.69 -8.84
N LEU B 203 13.19 -19.44 -7.55
CA LEU B 203 12.47 -18.22 -7.17
C LEU B 203 13.30 -16.99 -7.54
N TYR B 204 14.59 -17.06 -7.24
CA TYR B 204 15.48 -15.96 -7.55
C TYR B 204 15.47 -15.66 -9.06
N ASP B 205 15.50 -16.69 -9.89
CA ASP B 205 15.47 -16.49 -11.34
C ASP B 205 14.19 -15.77 -11.76
N LEU B 206 13.09 -16.10 -11.11
CA LEU B 206 11.82 -15.46 -11.41
C LEU B 206 11.81 -14.00 -10.95
N ILE B 207 12.38 -13.74 -9.77
CA ILE B 207 12.54 -12.36 -9.31
C ILE B 207 13.38 -11.57 -10.34
N ASN B 208 14.49 -12.16 -10.77
CA ASN B 208 15.36 -11.44 -11.69
C ASN B 208 14.64 -11.12 -13.01
N GLU B 209 13.93 -12.11 -13.55
CA GLU B 209 13.18 -11.88 -14.78
C GLU B 209 12.15 -10.76 -14.61
N LYS B 210 11.36 -10.84 -13.54
CA LYS B 210 10.34 -9.82 -13.34
C LYS B 210 10.94 -8.42 -13.13
N TYR B 211 12.07 -8.35 -12.45
CA TYR B 211 12.78 -7.10 -12.29
C TYR B 211 13.17 -6.54 -13.66
N LEU B 212 13.76 -7.39 -14.51
CA LEU B 212 14.19 -6.93 -15.81
C LEU B 212 13.00 -6.49 -16.68
N ILE B 213 11.87 -7.16 -16.51
CA ILE B 213 10.66 -6.73 -17.21
C ILE B 213 10.24 -5.33 -16.75
N LYS B 214 10.22 -5.12 -15.45
CA LYS B 214 9.85 -3.83 -14.88
C LYS B 214 10.84 -2.72 -15.28
N MET B 215 12.09 -3.10 -15.51
CA MET B 215 13.12 -2.14 -15.93
C MET B 215 13.10 -1.86 -17.43
N GLY B 216 12.28 -2.59 -18.17
CA GLY B 216 12.18 -2.42 -19.61
C GLY B 216 13.36 -3.02 -20.36
N LYS B 217 14.01 -4.01 -19.75
CA LYS B 217 15.19 -4.63 -20.35
C LYS B 217 14.89 -5.96 -21.05
N VAL B 218 13.82 -6.63 -20.66
CA VAL B 218 13.44 -7.85 -21.37
C VAL B 218 11.95 -7.77 -21.64
N ALA B 219 11.50 -8.56 -22.60
CA ALA B 219 10.11 -8.53 -23.02
C ALA B 219 9.16 -8.96 -21.90
N PRO B 220 8.08 -8.20 -21.70
CA PRO B 220 7.02 -8.63 -20.78
C PRO B 220 6.33 -9.87 -21.35
N TRP B 221 5.78 -10.70 -20.48
CA TRP B 221 5.07 -11.88 -20.94
C TRP B 221 3.84 -11.48 -21.76
N GLY B 222 3.59 -12.21 -22.82
CA GLY B 222 2.37 -11.97 -23.59
C GLY B 222 2.33 -10.74 -24.48
N THR B 223 3.48 -10.11 -24.74
CA THR B 223 3.53 -8.91 -25.59
C THR B 223 4.32 -9.09 -26.89
N GLN B 224 4.79 -10.30 -27.18
CA GLN B 224 5.59 -10.57 -28.38
C GLN B 224 4.95 -10.07 -29.67
#